data_7KM8
#
_entry.id   7KM8
#
_cell.length_a   78.030
_cell.length_b   82.790
_cell.length_c   133.120
_cell.angle_alpha   90.000
_cell.angle_beta   90.000
_cell.angle_gamma   90.000
#
_symmetry.space_group_name_H-M   'I 21 21 21'
#
loop_
_entity.id
_entity.type
_entity.pdbx_description
1 polymer 'Dihydrofolate reductase'
2 non-polymer 'NADP NICOTINAMIDE-ADENINE-DINUCLEOTIDE PHOSPHATE'
3 non-polymer '(2S)-2-[(3-{3-[(2,4-diamino-6-ethylpyrimidin-5-yl)oxy]propoxy}phenyl)methyl]-3,3-difluoropropanoic acid'
4 non-polymer 'CHLORIDE ION'
5 water water
#
_entity_poly.entity_id   1
_entity_poly.type   'polypeptide(L)'
_entity_poly.pdbx_seq_one_letter_code
;MAHHHHHHMTSVGLIWAQSTSGVIGRDGGIPWRLPEDLAHFKRLTMGHTVVMGRRTWDSLPAAHRPLPGRRNVVVTRQTG
LVAHGAQVVGSLEQALSPAEPDAATWVIGGAQIYALALPLANRCEVTEVDVDLPPEDEDALAPVLDQTWAGTSGEWLVSR
SGLRYRMHSYRRL
;
_entity_poly.pdbx_strand_id   A,B
#
loop_
_chem_comp.id
_chem_comp.type
_chem_comp.name
_chem_comp.formula
CL non-polymer 'CHLORIDE ION' 'Cl -1'
NAP non-polymer 'NADP NICOTINAMIDE-ADENINE-DINUCLEOTIDE PHOSPHATE' 'C21 H28 N7 O17 P3'
WPD non-polymer '(2S)-2-[(3-{3-[(2,4-diamino-6-ethylpyrimidin-5-yl)oxy]propoxy}phenyl)methyl]-3,3-difluoropropanoic acid' 'C19 H24 F2 N4 O4'
#
# COMPACT_ATOMS: atom_id res chain seq x y z
N THR A 10 3.22 -31.40 3.21
CA THR A 10 3.27 -30.65 1.96
C THR A 10 4.60 -29.90 1.82
N SER A 11 4.90 -29.45 0.60
CA SER A 11 6.06 -28.61 0.39
C SER A 11 5.76 -27.21 0.91
N VAL A 12 6.74 -26.61 1.59
CA VAL A 12 6.60 -25.29 2.18
C VAL A 12 7.50 -24.33 1.42
N GLY A 13 6.92 -23.24 0.93
CA GLY A 13 7.69 -22.18 0.31
C GLY A 13 7.55 -20.89 1.11
N LEU A 14 8.59 -20.07 1.08
CA LEU A 14 8.51 -18.71 1.57
C LEU A 14 8.45 -17.75 0.38
N ILE A 15 7.66 -16.69 0.52
CA ILE A 15 7.60 -15.64 -0.49
C ILE A 15 7.63 -14.30 0.22
N TRP A 16 8.50 -13.39 -0.25
CA TRP A 16 8.62 -12.07 0.37
C TRP A 16 9.18 -11.08 -0.62
N ALA A 17 8.99 -9.82 -0.30
CA ALA A 17 9.58 -8.71 -1.04
C ALA A 17 10.41 -7.89 -0.06
N GLN A 18 11.63 -7.55 -0.47
CA GLN A 18 12.53 -6.81 0.41
C GLN A 18 13.21 -5.69 -0.35
N SER A 19 13.57 -4.64 0.38
CA SER A 19 14.56 -3.71 -0.14
C SER A 19 15.92 -4.40 -0.21
N THR A 20 16.85 -3.82 -0.96
CA THR A 20 18.17 -4.41 -1.00
C THR A 20 18.75 -4.57 0.40
N SER A 21 18.44 -3.64 1.31
CA SER A 21 18.99 -3.71 2.68
C SER A 21 18.33 -4.78 3.53
N GLY A 22 17.24 -5.40 3.07
CA GLY A 22 16.58 -6.44 3.83
C GLY A 22 15.31 -6.02 4.55
N VAL A 23 14.90 -4.75 4.43
CA VAL A 23 13.67 -4.33 5.08
C VAL A 23 12.48 -4.90 4.33
N ILE A 24 11.55 -5.52 5.06
CA ILE A 24 10.29 -5.95 4.48
C ILE A 24 9.10 -5.17 5.02
N GLY A 25 9.21 -4.54 6.18
CA GLY A 25 8.07 -3.87 6.77
C GLY A 25 8.47 -2.72 7.66
N ARG A 26 7.60 -1.73 7.73
CA ARG A 26 7.83 -0.56 8.56
C ARG A 26 6.49 0.06 8.88
N ASP A 27 6.32 0.47 10.14
CA ASP A 27 5.13 1.20 10.57
C ASP A 27 3.84 0.43 10.25
N GLY A 28 3.89 -0.89 10.33
CA GLY A 28 2.68 -1.68 10.14
C GLY A 28 2.32 -1.92 8.70
N GLY A 29 3.19 -1.55 7.76
CA GLY A 29 2.91 -1.75 6.35
C GLY A 29 4.17 -2.07 5.58
N ILE A 30 4.08 -2.01 4.26
CA ILE A 30 5.21 -2.27 3.37
C ILE A 30 5.66 -0.95 2.80
N PRO A 31 6.95 -0.59 2.90
CA PRO A 31 7.35 0.80 2.61
C PRO A 31 7.56 1.14 1.14
N TRP A 32 6.83 0.46 0.25
CA TRP A 32 6.85 0.77 -1.17
C TRP A 32 5.58 0.22 -1.78
N ARG A 33 5.25 0.75 -2.96
CA ARG A 33 4.25 0.13 -3.82
CA ARG A 33 4.24 0.16 -3.84
C ARG A 33 4.95 -0.44 -5.04
N LEU A 34 4.55 -1.66 -5.41
CA LEU A 34 5.17 -2.38 -6.52
CA LEU A 34 5.17 -2.38 -6.52
C LEU A 34 4.12 -3.29 -7.13
N PRO A 35 3.28 -2.75 -8.01
CA PRO A 35 2.13 -3.53 -8.52
C PRO A 35 2.53 -4.84 -9.13
N GLU A 36 3.70 -4.89 -9.78
CA GLU A 36 4.14 -6.12 -10.40
C GLU A 36 4.48 -7.17 -9.36
N ASP A 37 4.87 -6.75 -8.16
CA ASP A 37 5.10 -7.71 -7.10
C ASP A 37 3.78 -8.22 -6.54
N LEU A 38 2.78 -7.35 -6.42
CA LEU A 38 1.48 -7.83 -5.96
C LEU A 38 0.92 -8.84 -6.94
N ALA A 39 1.13 -8.62 -8.24
CA ALA A 39 0.62 -9.58 -9.22
C ALA A 39 1.37 -10.90 -9.12
N HIS A 40 2.68 -10.82 -8.96
CA HIS A 40 3.53 -11.99 -8.76
C HIS A 40 3.11 -12.77 -7.52
N PHE A 41 2.90 -12.06 -6.42
CA PHE A 41 2.45 -12.68 -5.18
C PHE A 41 1.11 -13.38 -5.36
N LYS A 42 0.13 -12.67 -5.94
CA LYS A 42 -1.18 -13.27 -6.17
C LYS A 42 -1.06 -14.52 -7.04
N ARG A 43 -0.28 -14.44 -8.13
CA ARG A 43 -0.18 -15.55 -9.08
C ARG A 43 0.42 -16.79 -8.42
N LEU A 44 1.47 -16.60 -7.62
CA LEU A 44 2.13 -17.76 -7.02
CA LEU A 44 2.14 -17.75 -7.01
C LEU A 44 1.31 -18.37 -5.89
N THR A 45 0.55 -17.55 -5.15
CA THR A 45 -0.16 -18.06 -3.98
C THR A 45 -1.58 -18.47 -4.26
N MET A 46 -2.18 -18.04 -5.37
CA MET A 46 -3.61 -18.28 -5.57
C MET A 46 -3.94 -19.77 -5.50
N GLY A 47 -5.01 -20.09 -4.77
CA GLY A 47 -5.47 -21.46 -4.65
C GLY A 47 -4.79 -22.28 -3.58
N HIS A 48 -3.75 -21.75 -2.95
CA HIS A 48 -2.95 -22.44 -1.97
C HIS A 48 -3.24 -21.90 -0.57
N THR A 49 -2.71 -22.61 0.41
CA THR A 49 -2.73 -22.12 1.79
C THR A 49 -1.68 -21.04 1.93
N VAL A 50 -2.05 -19.93 2.57
CA VAL A 50 -1.10 -18.88 2.91
C VAL A 50 -1.05 -18.74 4.43
N VAL A 51 0.15 -18.88 4.98
CA VAL A 51 0.39 -18.86 6.41
C VAL A 51 1.07 -17.56 6.76
N MET A 52 0.52 -16.84 7.75
CA MET A 52 1.07 -15.54 8.10
C MET A 52 1.04 -15.33 9.61
N GLY A 53 1.96 -14.48 10.10
CA GLY A 53 1.91 -14.05 11.48
C GLY A 53 0.74 -13.11 11.73
N ARG A 54 0.38 -13.00 13.01
CA ARG A 54 -0.76 -12.17 13.36
C ARG A 54 -0.56 -10.71 12.95
N ARG A 55 0.67 -10.19 13.08
CA ARG A 55 0.86 -8.81 12.68
C ARG A 55 0.76 -8.63 11.16
N THR A 56 1.07 -9.67 10.38
CA THR A 56 0.84 -9.55 8.93
C THR A 56 -0.64 -9.59 8.58
N TRP A 57 -1.42 -10.44 9.27
CA TRP A 57 -2.87 -10.38 9.13
C TRP A 57 -3.39 -8.96 9.40
N ASP A 58 -2.93 -8.34 10.50
CA ASP A 58 -3.35 -6.97 10.81
C ASP A 58 -2.95 -5.98 9.71
N SER A 59 -1.84 -6.23 9.05
CA SER A 59 -1.30 -5.30 8.06
C SER A 59 -2.01 -5.39 6.70
N LEU A 60 -2.79 -6.43 6.45
CA LEU A 60 -3.47 -6.51 5.16
C LEU A 60 -4.47 -5.36 5.04
N PRO A 61 -4.49 -4.64 3.92
CA PRO A 61 -5.53 -3.61 3.76
C PRO A 61 -6.89 -4.27 3.84
N ALA A 62 -7.86 -3.55 4.42
CA ALA A 62 -9.15 -4.17 4.76
C ALA A 62 -9.82 -4.81 3.55
N ALA A 63 -9.70 -4.18 2.37
CA ALA A 63 -10.35 -4.71 1.17
C ALA A 63 -9.76 -6.04 0.72
N HIS A 64 -8.61 -6.45 1.26
CA HIS A 64 -7.89 -7.63 0.81
C HIS A 64 -7.71 -8.62 1.95
N ARG A 65 -8.55 -8.54 2.98
CA ARG A 65 -8.41 -9.35 4.18
C ARG A 65 -9.75 -10.04 4.42
N PRO A 66 -9.83 -11.38 4.38
CA PRO A 66 -8.76 -12.32 4.04
C PRO A 66 -8.36 -12.27 2.58
N LEU A 67 -7.21 -12.82 2.27
CA LEU A 67 -6.77 -12.86 0.87
C LEU A 67 -7.69 -13.79 0.10
N PRO A 68 -8.32 -13.34 -0.98
CA PRO A 68 -9.31 -14.18 -1.64
C PRO A 68 -8.69 -15.38 -2.35
N GLY A 69 -9.47 -16.46 -2.41
CA GLY A 69 -9.07 -17.63 -3.16
C GLY A 69 -8.01 -18.49 -2.54
N ARG A 70 -7.66 -18.24 -1.27
CA ARG A 70 -6.58 -18.92 -0.59
C ARG A 70 -7.04 -19.25 0.82
N ARG A 71 -6.61 -20.39 1.34
CA ARG A 71 -6.89 -20.69 2.75
C ARG A 71 -5.94 -19.84 3.60
N ASN A 72 -6.51 -18.91 4.36
CA ASN A 72 -5.70 -17.99 5.17
C ASN A 72 -5.50 -18.61 6.56
N VAL A 73 -4.24 -18.72 6.97
CA VAL A 73 -3.91 -19.29 8.28
C VAL A 73 -3.09 -18.26 9.03
N VAL A 74 -3.53 -17.90 10.24
CA VAL A 74 -2.91 -16.86 11.04
C VAL A 74 -2.28 -17.50 12.27
N VAL A 75 -1.00 -17.19 12.50
CA VAL A 75 -0.24 -17.77 13.62
C VAL A 75 -0.18 -16.76 14.76
N THR A 76 -0.60 -17.18 15.94
CA THR A 76 -0.65 -16.29 17.09
C THR A 76 -0.37 -17.11 18.35
N ARG A 77 0.08 -16.42 19.40
CA ARG A 77 0.12 -16.99 20.74
C ARG A 77 -1.12 -16.64 21.54
N GLN A 78 -2.03 -15.87 20.97
CA GLN A 78 -3.22 -15.44 21.71
C GLN A 78 -4.25 -16.55 21.78
N THR A 79 -4.94 -16.61 22.91
CA THR A 79 -6.06 -17.52 23.06
C THR A 79 -7.32 -16.85 22.57
N GLY A 80 -8.09 -17.56 21.74
CA GLY A 80 -9.35 -17.05 21.32
C GLY A 80 -9.27 -15.91 20.34
N LEU A 81 -8.08 -15.60 19.82
CA LEU A 81 -8.02 -14.72 18.68
C LEU A 81 -8.84 -15.34 17.58
N VAL A 82 -9.72 -14.55 17.02
CA VAL A 82 -10.45 -14.95 15.84
C VAL A 82 -10.08 -13.95 14.74
N ALA A 83 -10.06 -14.47 13.53
CA ALA A 83 -9.63 -13.70 12.38
C ALA A 83 -10.70 -14.04 11.36
N HIS A 84 -11.62 -13.11 11.13
CA HIS A 84 -12.80 -13.44 10.36
C HIS A 84 -12.43 -13.92 8.97
N GLY A 85 -12.90 -15.10 8.60
CA GLY A 85 -12.59 -15.68 7.31
C GLY A 85 -11.29 -16.44 7.26
N ALA A 86 -10.57 -16.53 8.37
CA ALA A 86 -9.29 -17.20 8.40
C ALA A 86 -9.30 -18.30 9.46
N GLN A 87 -8.29 -19.16 9.36
CA GLN A 87 -8.04 -20.19 10.36
C GLN A 87 -6.90 -19.72 11.26
N VAL A 88 -7.04 -19.93 12.55
CA VAL A 88 -6.08 -19.45 13.54
C VAL A 88 -5.39 -20.65 14.20
N VAL A 89 -4.06 -20.59 14.28
CA VAL A 89 -3.26 -21.65 14.88
C VAL A 89 -2.24 -21.04 15.84
N GLY A 90 -1.75 -21.88 16.75
CA GLY A 90 -0.82 -21.46 17.77
C GLY A 90 0.63 -21.78 17.50
N SER A 91 0.94 -22.36 16.34
CA SER A 91 2.31 -22.72 16.04
C SER A 91 2.41 -22.91 14.54
N LEU A 92 3.64 -22.84 14.03
CA LEU A 92 3.85 -23.11 12.62
C LEU A 92 3.52 -24.56 12.29
N GLU A 93 3.84 -25.49 13.21
CA GLU A 93 3.56 -26.90 12.96
C GLU A 93 2.07 -27.15 12.77
N GLN A 94 1.23 -26.46 13.54
CA GLN A 94 -0.21 -26.59 13.34
C GLN A 94 -0.66 -26.02 12.02
N ALA A 95 0.04 -25.00 11.51
CA ALA A 95 -0.30 -24.40 10.23
C ALA A 95 -0.02 -25.35 9.07
N LEU A 96 0.92 -26.27 9.23
CA LEU A 96 1.39 -27.09 8.12
C LEU A 96 0.73 -28.47 8.09
N SER A 97 -0.42 -28.61 8.74
CA SER A 97 -1.17 -29.86 8.67
C SER A 97 -2.63 -29.56 8.34
N ALA A 104 0.11 -27.21 -1.88
CA ALA A 104 1.28 -26.41 -1.56
C ALA A 104 0.95 -25.42 -0.47
N THR A 105 1.94 -25.06 0.35
CA THR A 105 1.76 -24.10 1.41
C THR A 105 2.76 -22.96 1.24
N TRP A 106 2.27 -21.73 1.23
CA TRP A 106 3.12 -20.55 1.13
C TRP A 106 3.13 -19.80 2.46
N VAL A 107 4.32 -19.54 2.97
CA VAL A 107 4.47 -18.70 4.15
C VAL A 107 4.70 -17.28 3.65
N ILE A 108 3.83 -16.35 4.03
CA ILE A 108 3.79 -15.03 3.42
C ILE A 108 4.23 -13.93 4.39
N GLY A 109 4.85 -14.29 5.51
CA GLY A 109 5.43 -13.31 6.43
C GLY A 109 4.66 -13.24 7.72
N GLY A 110 5.12 -12.38 8.63
CA GLY A 110 6.23 -11.47 8.43
C GLY A 110 7.55 -12.00 8.95
N ALA A 111 8.38 -11.12 9.51
CA ALA A 111 9.75 -11.51 9.84
C ALA A 111 9.81 -12.64 10.83
N GLN A 112 8.93 -12.62 11.86
CA GLN A 112 8.99 -13.68 12.87
C GLN A 112 8.53 -15.01 12.29
N ILE A 113 7.49 -14.99 11.47
CA ILE A 113 7.00 -16.24 10.91
C ILE A 113 7.94 -16.77 9.84
N TYR A 114 8.63 -15.90 9.07
CA TYR A 114 9.68 -16.39 8.18
C TYR A 114 10.76 -17.14 8.95
N ALA A 115 11.18 -16.60 10.10
CA ALA A 115 12.26 -17.23 10.85
C ALA A 115 11.82 -18.58 11.37
N LEU A 116 10.54 -18.73 11.70
CA LEU A 116 10.04 -20.02 12.15
C LEU A 116 9.96 -21.02 11.02
N ALA A 117 9.62 -20.53 9.81
CA ALA A 117 9.33 -21.41 8.69
C ALA A 117 10.56 -21.79 7.89
N LEU A 118 11.60 -20.96 7.91
CA LEU A 118 12.76 -21.22 7.04
C LEU A 118 13.35 -22.62 7.20
N PRO A 119 13.51 -23.18 8.40
CA PRO A 119 14.03 -24.55 8.49
C PRO A 119 13.11 -25.60 7.87
N LEU A 120 11.85 -25.29 7.64
CA LEU A 120 10.91 -26.27 7.08
C LEU A 120 10.72 -26.10 5.59
N ALA A 121 11.34 -25.09 4.98
CA ALA A 121 11.06 -24.70 3.61
C ALA A 121 12.07 -25.28 2.65
N ASN A 122 11.62 -25.53 1.41
CA ASN A 122 12.54 -25.97 0.38
C ASN A 122 12.61 -24.98 -0.77
N ARG A 123 11.85 -23.90 -0.73
CA ARG A 123 11.90 -22.94 -1.81
CA ARG A 123 11.78 -22.95 -1.83
C ARG A 123 11.55 -21.56 -1.26
N CYS A 124 12.22 -20.55 -1.83
CA CYS A 124 11.93 -19.15 -1.53
C CYS A 124 11.78 -18.39 -2.83
N GLU A 125 10.81 -17.48 -2.86
CA GLU A 125 10.59 -16.60 -4.00
C GLU A 125 10.68 -15.17 -3.49
N VAL A 126 11.67 -14.42 -3.96
CA VAL A 126 12.05 -13.16 -3.33
C VAL A 126 11.99 -12.07 -4.38
N THR A 127 11.29 -10.98 -4.08
CA THR A 127 11.36 -9.77 -4.88
C THR A 127 12.32 -8.80 -4.22
N GLU A 128 13.30 -8.30 -4.97
CA GLU A 128 14.24 -7.31 -4.47
C GLU A 128 13.85 -5.96 -5.05
N VAL A 129 13.67 -4.97 -4.17
CA VAL A 129 13.27 -3.63 -4.56
C VAL A 129 14.45 -2.68 -4.40
N ASP A 130 14.81 -1.99 -5.49
CA ASP A 130 15.97 -1.11 -5.50
C ASP A 130 15.61 0.24 -4.87
N VAL A 131 15.49 0.22 -3.54
CA VAL A 131 15.24 1.43 -2.76
CA VAL A 131 15.24 1.43 -2.76
C VAL A 131 16.17 1.40 -1.55
N ASP A 132 16.70 2.56 -1.19
CA ASP A 132 17.65 2.69 -0.09
C ASP A 132 16.85 2.95 1.19
N LEU A 133 16.66 1.90 2.00
CA LEU A 133 15.96 2.00 3.28
C LEU A 133 16.87 1.42 4.34
N PRO A 134 17.72 2.25 4.95
CA PRO A 134 18.54 1.77 6.06
C PRO A 134 17.66 1.20 7.16
N PRO A 135 17.95 -0.01 7.64
CA PRO A 135 17.12 -0.57 8.72
C PRO A 135 17.09 0.35 9.91
N GLU A 136 15.88 0.53 10.47
CA GLU A 136 15.76 1.32 11.68
CA GLU A 136 15.57 1.39 11.60
C GLU A 136 14.95 0.56 12.72
N ASP A 137 14.91 1.13 13.92
CA ASP A 137 14.23 0.50 15.04
C ASP A 137 12.81 0.10 14.65
N GLU A 138 12.46 -1.14 14.97
CA GLU A 138 11.15 -1.78 14.77
C GLU A 138 10.89 -2.16 13.33
N ASP A 139 11.86 -2.03 12.42
CA ASP A 139 11.64 -2.57 11.08
C ASP A 139 11.48 -4.08 11.14
N ALA A 140 10.68 -4.63 10.25
CA ALA A 140 10.65 -6.07 10.03
C ALA A 140 11.67 -6.39 8.93
N LEU A 141 12.50 -7.40 9.16
CA LEU A 141 13.62 -7.69 8.28
C LEU A 141 13.47 -9.06 7.64
N ALA A 142 14.00 -9.18 6.42
CA ALA A 142 13.92 -10.43 5.69
C ALA A 142 14.85 -11.47 6.29
N PRO A 143 14.53 -12.75 6.13
CA PRO A 143 15.48 -13.78 6.52
C PRO A 143 16.68 -13.77 5.58
N VAL A 144 17.82 -14.20 6.10
CA VAL A 144 19.06 -14.27 5.35
C VAL A 144 19.26 -15.71 4.92
N LEU A 145 19.41 -15.92 3.61
CA LEU A 145 19.64 -17.26 3.07
C LEU A 145 21.14 -17.53 3.02
N ASP A 146 21.54 -18.69 3.53
CA ASP A 146 22.95 -19.06 3.51
C ASP A 146 23.27 -19.75 2.17
N GLN A 147 24.49 -20.23 2.04
CA GLN A 147 24.90 -20.75 0.75
C GLN A 147 24.36 -22.15 0.46
N THR A 148 23.57 -22.74 1.37
CA THR A 148 22.87 -24.00 1.07
C THR A 148 21.60 -23.79 0.25
N TRP A 149 21.34 -22.56 -0.16
CA TRP A 149 20.23 -22.23 -1.05
C TRP A 149 20.80 -21.91 -2.42
N ALA A 150 20.36 -22.67 -3.42
CA ALA A 150 20.68 -22.33 -4.79
C ALA A 150 19.74 -21.23 -5.26
N GLY A 151 20.24 -20.28 -6.03
CA GLY A 151 19.43 -19.16 -6.44
C GLY A 151 19.65 -18.78 -7.88
N THR A 152 18.65 -18.11 -8.45
CA THR A 152 18.84 -17.47 -9.73
C THR A 152 17.99 -16.20 -9.77
N SER A 153 18.36 -15.29 -10.64
CA SER A 153 17.80 -13.94 -10.62
C SER A 153 17.23 -13.58 -11.98
N GLY A 154 16.07 -12.91 -11.98
CA GLY A 154 15.56 -12.33 -13.20
C GLY A 154 16.24 -10.99 -13.46
N GLU A 155 15.80 -10.33 -14.52
CA GLU A 155 16.37 -9.03 -14.89
C GLU A 155 15.84 -7.91 -13.99
N TRP A 156 16.66 -6.86 -13.84
CA TRP A 156 16.14 -5.61 -13.28
C TRP A 156 15.09 -5.02 -14.22
N LEU A 157 13.95 -4.64 -13.64
CA LEU A 157 12.81 -4.09 -14.36
C LEU A 157 12.38 -2.80 -13.71
N VAL A 158 11.79 -1.89 -14.49
CA VAL A 158 11.21 -0.65 -13.97
C VAL A 158 9.73 -0.88 -13.71
N SER A 159 9.30 -0.66 -12.46
CA SER A 159 7.89 -0.77 -12.08
C SER A 159 7.11 0.44 -12.55
N ARG A 160 5.81 0.24 -12.74
CA ARG A 160 4.91 1.38 -12.92
C ARG A 160 4.92 2.34 -11.73
N SER A 161 5.34 1.87 -10.55
CA SER A 161 5.40 2.78 -9.41
C SER A 161 6.63 3.69 -9.47
N GLY A 162 7.55 3.45 -10.40
CA GLY A 162 8.78 4.22 -10.50
C GLY A 162 10.01 3.44 -10.08
N LEU A 163 9.84 2.46 -9.20
CA LEU A 163 10.95 1.75 -8.58
C LEU A 163 11.45 0.62 -9.46
N ARG A 164 12.75 0.34 -9.37
CA ARG A 164 13.29 -0.85 -10.01
C ARG A 164 13.18 -2.06 -9.09
N TYR A 165 13.04 -3.23 -9.69
CA TYR A 165 12.85 -4.46 -8.93
C TYR A 165 13.34 -5.64 -9.76
N ARG A 166 13.56 -6.78 -9.09
CA ARG A 166 13.80 -8.02 -9.80
C ARG A 166 13.39 -9.18 -8.91
N MET A 167 13.11 -10.30 -9.54
CA MET A 167 12.67 -11.48 -8.80
C MET A 167 13.78 -12.49 -8.74
N HIS A 168 13.94 -13.10 -7.57
CA HIS A 168 14.88 -14.19 -7.35
C HIS A 168 14.12 -15.45 -6.98
N SER A 169 14.63 -16.60 -7.42
CA SER A 169 14.06 -17.88 -7.05
C SER A 169 15.13 -18.71 -6.37
N TYR A 170 14.80 -19.32 -5.23
CA TYR A 170 15.76 -20.14 -4.51
C TYR A 170 15.21 -21.53 -4.28
N ARG A 171 16.10 -22.52 -4.29
CA ARG A 171 15.79 -23.90 -3.97
C ARG A 171 16.84 -24.41 -2.99
N ARG A 172 16.39 -25.11 -1.95
CA ARG A 172 17.34 -25.67 -1.00
C ARG A 172 18.06 -26.85 -1.63
N LEU A 173 19.37 -26.91 -1.43
CA LEU A 173 20.17 -28.02 -1.95
C LEU A 173 19.75 -29.34 -1.32
N THR B 10 -2.79 30.48 -8.16
CA THR B 10 -2.63 29.20 -8.83
C THR B 10 -3.99 28.55 -9.08
N SER B 11 -4.04 27.70 -10.10
CA SER B 11 -5.20 26.85 -10.31
C SER B 11 -5.11 25.64 -9.39
N VAL B 12 -6.16 25.39 -8.61
CA VAL B 12 -6.14 24.40 -7.54
C VAL B 12 -7.09 23.25 -7.90
N GLY B 13 -6.55 22.04 -7.93
CA GLY B 13 -7.36 20.85 -8.12
C GLY B 13 -7.25 19.93 -6.93
N LEU B 14 -8.32 19.20 -6.64
CA LEU B 14 -8.29 18.12 -5.66
C LEU B 14 -8.28 16.79 -6.38
N ILE B 15 -7.52 15.83 -5.85
CA ILE B 15 -7.50 14.48 -6.42
C ILE B 15 -7.57 13.51 -5.25
N TRP B 16 -8.45 12.51 -5.35
CA TRP B 16 -8.58 11.51 -4.30
C TRP B 16 -9.16 10.24 -4.88
N ALA B 17 -8.98 9.16 -4.12
CA ALA B 17 -9.58 7.87 -4.40
C ALA B 17 -10.43 7.48 -3.20
N GLN B 18 -11.68 7.08 -3.46
CA GLN B 18 -12.59 6.74 -2.37
C GLN B 18 -13.30 5.43 -2.66
N SER B 19 -13.68 4.74 -1.59
CA SER B 19 -14.68 3.70 -1.75
C SER B 19 -16.00 4.34 -2.15
N THR B 20 -16.91 3.52 -2.69
CA THR B 20 -18.25 4.01 -2.97
C THR B 20 -18.85 4.69 -1.73
N SER B 21 -18.58 4.12 -0.55
CA SER B 21 -19.15 4.62 0.69
C SER B 21 -18.53 5.93 1.16
N GLY B 22 -17.42 6.37 0.57
CA GLY B 22 -16.83 7.65 0.89
C GLY B 22 -15.54 7.58 1.70
N VAL B 23 -15.06 6.39 2.01
CA VAL B 23 -13.84 6.24 2.81
C VAL B 23 -12.62 6.48 1.94
N ILE B 24 -11.68 7.31 2.40
CA ILE B 24 -10.40 7.45 1.72
C ILE B 24 -9.25 6.88 2.54
N GLY B 25 -9.41 6.71 3.85
CA GLY B 25 -8.31 6.30 4.67
C GLY B 25 -8.80 5.60 5.92
N ARG B 26 -7.99 4.66 6.42
CA ARG B 26 -8.28 3.94 7.65
C ARG B 26 -6.95 3.48 8.25
N ASP B 27 -6.81 3.60 9.57
CA ASP B 27 -5.62 3.12 10.28
C ASP B 27 -4.33 3.72 9.72
N GLY B 28 -4.39 4.97 9.25
CA GLY B 28 -3.21 5.65 8.76
C GLY B 28 -2.75 5.25 7.38
N GLY B 29 -3.58 4.53 6.63
CA GLY B 29 -3.26 4.17 5.27
C GLY B 29 -4.50 4.11 4.41
N ILE B 30 -4.38 3.52 3.24
CA ILE B 30 -5.47 3.37 2.28
C ILE B 30 -5.90 1.91 2.28
N PRO B 31 -7.17 1.60 2.50
CA PRO B 31 -7.53 0.20 2.77
C PRO B 31 -7.76 -0.65 1.53
N TRP B 32 -7.12 -0.32 0.42
CA TRP B 32 -7.16 -1.16 -0.78
C TRP B 32 -5.89 -0.90 -1.57
N ARG B 33 -5.60 -1.82 -2.49
CA ARG B 33 -4.58 -1.61 -3.52
CA ARG B 33 -4.57 -1.63 -3.52
C ARG B 33 -5.27 -1.52 -4.87
N LEU B 34 -4.84 -0.53 -5.67
CA LEU B 34 -5.44 -0.30 -6.98
CA LEU B 34 -5.44 -0.30 -6.98
C LEU B 34 -4.36 0.29 -7.86
N PRO B 35 -3.56 -0.54 -8.53
CA PRO B 35 -2.42 0.00 -9.30
C PRO B 35 -2.81 1.02 -10.35
N GLU B 36 -3.97 0.85 -10.96
CA GLU B 36 -4.40 1.78 -11.99
C GLU B 36 -4.67 3.15 -11.41
N ASP B 37 -5.02 3.20 -10.12
CA ASP B 37 -5.18 4.50 -9.50
C ASP B 37 -3.83 5.13 -9.17
N LEU B 38 -2.83 4.32 -8.78
CA LEU B 38 -1.48 4.86 -8.64
C LEU B 38 -1.03 5.52 -9.92
N ALA B 39 -1.26 4.85 -11.05
CA ALA B 39 -0.79 5.35 -12.33
C ALA B 39 -1.51 6.63 -12.69
N HIS B 40 -2.81 6.67 -12.45
CA HIS B 40 -3.65 7.84 -12.70
C HIS B 40 -3.19 9.02 -11.86
N PHE B 41 -2.99 8.76 -10.56
CA PHE B 41 -2.51 9.79 -9.63
C PHE B 41 -1.15 10.32 -10.05
N LYS B 42 -0.21 9.42 -10.35
CA LYS B 42 1.12 9.87 -10.77
C LYS B 42 1.04 10.68 -12.07
N ARG B 43 0.27 10.20 -13.05
CA ARG B 43 0.19 10.89 -14.34
C ARG B 43 -0.34 12.31 -14.19
N LEU B 44 -1.39 12.48 -13.40
CA LEU B 44 -2.01 13.80 -13.27
C LEU B 44 -1.17 14.75 -12.43
N THR B 45 -0.44 14.24 -11.43
CA THR B 45 0.30 15.13 -10.54
C THR B 45 1.75 15.37 -10.96
N MET B 46 2.32 14.53 -11.83
CA MET B 46 3.75 14.65 -12.12
C MET B 46 4.10 16.04 -12.61
N GLY B 47 5.17 16.59 -12.04
CA GLY B 47 5.67 17.89 -12.44
C GLY B 47 5.05 19.06 -11.72
N HIS B 48 4.01 18.83 -10.93
CA HIS B 48 3.26 19.89 -10.27
C HIS B 48 3.57 19.89 -8.78
N THR B 49 3.11 20.96 -8.13
CA THR B 49 3.13 20.99 -6.67
C THR B 49 2.04 20.08 -6.14
N VAL B 50 2.37 19.26 -5.16
CA VAL B 50 1.38 18.46 -4.43
C VAL B 50 1.35 18.94 -2.98
N VAL B 51 0.17 19.32 -2.51
CA VAL B 51 -0.05 19.84 -1.16
C VAL B 51 -0.78 18.77 -0.36
N MET B 52 -0.28 18.47 0.84
CA MET B 52 -0.87 17.40 1.64
C MET B 52 -0.82 17.77 3.11
N GLY B 53 -1.76 17.21 3.88
CA GLY B 53 -1.71 17.33 5.32
C GLY B 53 -0.58 16.50 5.90
N ARG B 54 -0.17 16.85 7.11
CA ARG B 54 0.94 16.14 7.72
C ARG B 54 0.64 14.65 7.89
N ARG B 55 -0.61 14.29 8.23
CA ARG B 55 -0.91 12.87 8.35
C ARG B 55 -0.73 12.13 7.02
N THR B 56 -1.06 12.79 5.89
CA THR B 56 -0.87 12.15 4.59
C THR B 56 0.60 12.02 4.24
N TRP B 57 1.42 13.02 4.57
CA TRP B 57 2.86 12.85 4.44
C TRP B 57 3.34 11.61 5.18
N ASP B 58 2.91 11.45 6.44
CA ASP B 58 3.33 10.26 7.19
C ASP B 58 2.82 8.98 6.53
N SER B 59 1.65 9.04 5.89
CA SER B 59 1.04 7.84 5.32
C SER B 59 1.72 7.38 4.04
N LEU B 60 2.54 8.22 3.41
CA LEU B 60 3.23 7.81 2.20
C LEU B 60 4.20 6.69 2.56
N PRO B 61 4.21 5.57 1.83
CA PRO B 61 5.25 4.58 2.09
C PRO B 61 6.62 5.23 1.91
N ALA B 62 7.59 4.81 2.72
CA ALA B 62 8.87 5.52 2.81
C ALA B 62 9.54 5.66 1.44
N ALA B 63 9.47 4.64 0.58
CA ALA B 63 10.12 4.73 -0.71
C ALA B 63 9.56 5.86 -1.57
N HIS B 64 8.36 6.33 -1.26
CA HIS B 64 7.66 7.34 -2.06
C HIS B 64 7.49 8.64 -1.30
N ARG B 65 8.31 8.85 -0.26
CA ARG B 65 8.18 10.03 0.60
C ARG B 65 9.52 10.74 0.58
N PRO B 66 9.67 11.86 -0.16
CA PRO B 66 8.65 12.60 -0.90
C PRO B 66 8.29 11.96 -2.22
N LEU B 67 7.16 12.39 -2.77
CA LEU B 67 6.75 11.94 -4.09
C LEU B 67 7.69 12.49 -5.14
N PRO B 68 8.34 11.65 -5.94
CA PRO B 68 9.35 12.17 -6.86
C PRO B 68 8.76 12.99 -8.00
N GLY B 69 9.54 13.97 -8.45
CA GLY B 69 9.20 14.77 -9.60
C GLY B 69 8.14 15.81 -9.36
N ARG B 70 7.81 16.06 -8.11
CA ARG B 70 6.76 16.96 -7.68
C ARG B 70 7.29 17.76 -6.49
N ARG B 71 6.91 19.03 -6.42
CA ARG B 71 7.21 19.84 -5.23
C ARG B 71 6.25 19.42 -4.13
N ASN B 72 6.79 18.79 -3.08
CA ASN B 72 5.95 18.28 -1.99
C ASN B 72 5.82 19.37 -0.94
N VAL B 73 4.58 19.74 -0.61
CA VAL B 73 4.30 20.75 0.40
C VAL B 73 3.43 20.12 1.48
N VAL B 74 3.89 20.22 2.73
CA VAL B 74 3.25 19.55 3.86
C VAL B 74 2.69 20.63 4.77
N VAL B 75 1.39 20.54 5.06
CA VAL B 75 0.67 21.50 5.90
C VAL B 75 0.60 20.95 7.32
N THR B 76 1.07 21.74 8.29
CA THR B 76 1.11 21.32 9.68
C THR B 76 0.89 22.51 10.59
N ARG B 77 0.43 22.25 11.81
CA ARG B 77 0.48 23.29 12.85
C ARG B 77 1.75 23.20 13.69
N GLN B 78 2.58 22.19 13.47
CA GLN B 78 3.80 22.05 14.25
C GLN B 78 4.81 23.12 13.87
N THR B 79 5.64 23.48 14.85
CA THR B 79 6.81 24.29 14.58
C THR B 79 8.01 23.36 14.50
N GLY B 80 8.91 23.64 13.56
CA GLY B 80 10.11 22.84 13.44
C GLY B 80 9.89 21.41 12.94
N LEU B 81 8.77 21.14 12.29
CA LEU B 81 8.61 19.84 11.63
C LEU B 81 9.64 19.68 10.52
N VAL B 82 10.40 18.61 10.58
CA VAL B 82 11.33 18.25 9.50
C VAL B 82 10.64 17.22 8.63
N ALA B 83 10.53 17.52 7.34
CA ALA B 83 9.92 16.63 6.36
C ALA B 83 10.95 16.51 5.25
N HIS B 84 11.81 15.50 5.34
CA HIS B 84 12.98 15.44 4.48
C HIS B 84 12.56 15.38 3.02
N GLY B 85 13.08 16.31 2.22
CA GLY B 85 12.75 16.34 0.81
C GLY B 85 11.53 17.15 0.48
N ALA B 86 10.89 17.76 1.47
CA ALA B 86 9.65 18.49 1.26
C ALA B 86 9.73 19.87 1.88
N GLN B 87 8.77 20.70 1.50
CA GLN B 87 8.59 22.03 2.06
C GLN B 87 7.45 21.98 3.06
N VAL B 88 7.58 22.73 4.15
CA VAL B 88 6.64 22.69 5.25
C VAL B 88 5.99 24.07 5.39
N VAL B 89 4.67 24.11 5.51
CA VAL B 89 3.93 25.35 5.66
C VAL B 89 2.90 25.20 6.79
N GLY B 90 2.42 26.34 7.29
CA GLY B 90 1.50 26.36 8.40
C GLY B 90 0.05 26.62 8.04
N SER B 91 -0.27 26.72 6.76
CA SER B 91 -1.64 26.96 6.34
C SER B 91 -1.76 26.59 4.88
N LEU B 92 -2.98 26.37 4.44
CA LEU B 92 -3.21 26.13 3.02
C LEU B 92 -2.82 27.35 2.19
N GLU B 93 -3.10 28.54 2.71
CA GLU B 93 -2.79 29.76 1.96
C GLU B 93 -1.29 29.87 1.70
N GLN B 94 -0.46 29.53 2.69
CA GLN B 94 0.98 29.51 2.46
C GLN B 94 1.36 28.47 1.42
N ALA B 95 0.62 27.36 1.34
CA ALA B 95 0.97 26.32 0.38
C ALA B 95 0.66 26.75 -1.04
N LEU B 96 -0.27 27.69 -1.20
CA LEU B 96 -0.73 28.12 -2.51
C LEU B 96 -0.13 29.44 -2.96
N SER B 97 0.75 30.04 -2.17
CA SER B 97 1.35 31.33 -2.55
C SER B 97 2.37 31.15 -3.67
N ALA B 104 0.05 24.80 -11.92
CA ALA B 104 -0.98 23.92 -11.40
C ALA B 104 -0.59 23.35 -10.04
N THR B 105 -1.53 23.37 -9.12
CA THR B 105 -1.31 22.83 -7.78
C THR B 105 -2.37 21.77 -7.51
N TRP B 106 -1.93 20.60 -7.07
CA TRP B 106 -2.83 19.51 -6.70
C TRP B 106 -2.84 19.34 -5.20
N VAL B 107 -4.04 19.34 -4.63
CA VAL B 107 -4.21 19.01 -3.23
C VAL B 107 -4.51 17.51 -3.18
N ILE B 108 -3.64 16.76 -2.51
CA ILE B 108 -3.66 15.30 -2.58
C ILE B 108 -4.15 14.68 -1.27
N GLY B 109 -4.72 15.46 -0.36
CA GLY B 109 -5.34 14.93 0.84
C GLY B 109 -4.58 15.32 2.10
N GLY B 110 -5.07 14.87 3.27
CA GLY B 110 -6.24 14.02 3.39
C GLY B 110 -7.51 14.80 3.64
N ALA B 111 -8.40 14.23 4.45
CA ALA B 111 -9.74 14.82 4.59
C ALA B 111 -9.70 16.22 5.20
N GLN B 112 -8.81 16.47 6.17
CA GLN B 112 -8.76 17.80 6.77
C GLN B 112 -8.29 18.82 5.74
N ILE B 113 -7.30 18.46 4.94
CA ILE B 113 -6.78 19.40 3.97
C ILE B 113 -7.74 19.56 2.77
N TYR B 114 -8.44 18.49 2.37
CA TYR B 114 -9.49 18.68 1.35
C TYR B 114 -10.52 19.69 1.79
N ALA B 115 -10.91 19.66 3.07
CA ALA B 115 -11.95 20.57 3.53
C ALA B 115 -11.47 22.02 3.45
N LEU B 116 -10.18 22.25 3.73
CA LEU B 116 -9.64 23.61 3.60
C LEU B 116 -9.60 24.04 2.14
N ALA B 117 -9.30 23.10 1.25
CA ALA B 117 -8.99 23.45 -0.14
C ALA B 117 -10.21 23.49 -1.04
N LEU B 118 -11.27 22.76 -0.72
CA LEU B 118 -12.42 22.71 -1.63
C LEU B 118 -12.94 24.09 -2.03
N PRO B 119 -13.10 25.06 -1.13
CA PRO B 119 -13.60 26.39 -1.58
C PRO B 119 -12.68 27.08 -2.58
N LEU B 120 -11.41 26.69 -2.64
CA LEU B 120 -10.45 27.33 -3.52
C LEU B 120 -10.28 26.59 -4.84
N ALA B 121 -10.89 25.42 -4.99
CA ALA B 121 -10.63 24.53 -6.12
C ALA B 121 -11.68 24.71 -7.20
N ASN B 122 -11.26 24.45 -8.44
CA ASN B 122 -12.17 24.48 -9.56
C ASN B 122 -12.28 23.13 -10.25
N ARG B 123 -11.53 22.13 -9.79
CA ARG B 123 -11.48 20.84 -10.44
CA ARG B 123 -11.60 20.83 -10.42
C ARG B 123 -11.29 19.77 -9.39
N CYS B 124 -11.98 18.64 -9.53
CA CYS B 124 -11.72 17.46 -8.70
C CYS B 124 -11.59 16.26 -9.62
N GLU B 125 -10.63 15.39 -9.32
CA GLU B 125 -10.45 14.15 -10.05
C GLU B 125 -10.58 13.02 -9.05
N VAL B 126 -11.58 12.15 -9.25
CA VAL B 126 -11.98 11.18 -8.24
C VAL B 126 -11.88 9.79 -8.82
N THR B 127 -11.25 8.88 -8.08
CA THR B 127 -11.35 7.46 -8.38
C THR B 127 -12.30 6.83 -7.38
N GLU B 128 -13.31 6.12 -7.88
CA GLU B 128 -14.23 5.39 -7.02
C GLU B 128 -13.86 3.92 -7.08
N VAL B 129 -13.73 3.30 -5.91
CA VAL B 129 -13.33 1.90 -5.78
C VAL B 129 -14.51 1.11 -5.23
N ASP B 130 -14.88 0.03 -5.93
CA ASP B 130 -16.02 -0.79 -5.52
C ASP B 130 -15.59 -1.82 -4.47
N VAL B 131 -15.34 -1.31 -3.27
CA VAL B 131 -15.17 -2.14 -2.08
C VAL B 131 -16.23 -1.71 -1.08
N ASP B 132 -16.88 -2.67 -0.46
CA ASP B 132 -17.88 -2.38 0.57
CA ASP B 132 -17.88 -2.39 0.56
C ASP B 132 -17.15 -2.12 1.87
N LEU B 133 -16.95 -0.85 2.20
CA LEU B 133 -16.33 -0.42 3.45
C LEU B 133 -17.31 0.48 4.15
N PRO B 134 -18.21 -0.07 4.98
CA PRO B 134 -19.02 0.79 5.82
C PRO B 134 -18.12 1.75 6.59
N PRO B 135 -18.39 3.06 6.52
CA PRO B 135 -17.55 4.02 7.23
C PRO B 135 -17.50 3.73 8.71
N GLU B 136 -16.28 3.67 9.25
CA GLU B 136 -16.05 3.48 10.67
C GLU B 136 -15.61 4.80 11.28
N ASP B 137 -15.70 4.89 12.61
CA ASP B 137 -15.71 6.19 13.29
C ASP B 137 -14.53 7.07 12.90
N GLU B 138 -13.33 6.53 12.96
N GLU B 138 -13.32 6.52 12.95
CA GLU B 138 -12.11 7.30 12.73
CA GLU B 138 -12.10 7.29 12.73
C GLU B 138 -11.62 7.21 11.30
C GLU B 138 -11.60 7.19 11.30
N ASP B 139 -12.44 6.74 10.36
CA ASP B 139 -12.05 6.76 8.97
C ASP B 139 -11.87 8.20 8.50
N ALA B 140 -10.96 8.38 7.55
CA ALA B 140 -10.88 9.63 6.81
C ALA B 140 -11.85 9.53 5.63
N LEU B 141 -12.67 10.57 5.43
CA LEU B 141 -13.76 10.54 4.46
C LEU B 141 -13.53 11.52 3.33
N ALA B 142 -14.02 11.16 2.15
CA ALA B 142 -13.91 12.04 0.99
C ALA B 142 -14.81 13.27 1.16
N PRO B 143 -14.42 14.40 0.59
CA PRO B 143 -15.33 15.56 0.57
C PRO B 143 -16.56 15.24 -0.25
N VAL B 144 -17.65 15.89 0.11
CA VAL B 144 -18.92 15.72 -0.56
C VAL B 144 -19.10 16.90 -1.51
N LEU B 145 -19.30 16.60 -2.79
CA LEU B 145 -19.47 17.65 -3.78
C LEU B 145 -20.95 17.95 -3.92
N ASP B 146 -21.29 19.25 -3.91
CA ASP B 146 -22.68 19.66 -4.05
C ASP B 146 -23.03 19.89 -5.52
N GLN B 147 -24.19 20.48 -5.76
CA GLN B 147 -24.72 20.63 -7.12
C GLN B 147 -24.03 21.73 -7.92
N THR B 148 -23.11 22.48 -7.31
CA THR B 148 -22.32 23.46 -8.05
C THR B 148 -21.17 22.83 -8.81
N TRP B 149 -21.04 21.50 -8.78
CA TRP B 149 -20.01 20.76 -9.49
C TRP B 149 -20.64 19.99 -10.63
N ALA B 150 -20.14 20.22 -11.84
CA ALA B 150 -20.50 19.39 -12.97
C ALA B 150 -19.55 18.20 -13.03
N GLY B 151 -20.08 17.03 -13.39
CA GLY B 151 -19.27 15.83 -13.36
C GLY B 151 -19.50 14.96 -14.59
N THR B 152 -18.51 14.11 -14.83
CA THR B 152 -18.66 13.07 -15.83
C THR B 152 -17.95 11.82 -15.30
N SER B 153 -18.50 10.67 -15.64
CA SER B 153 -18.05 9.41 -15.04
C SER B 153 -17.58 8.48 -16.14
N GLY B 154 -16.41 7.87 -15.93
CA GLY B 154 -15.95 6.80 -16.78
C GLY B 154 -16.68 5.50 -16.45
N GLU B 155 -16.34 4.46 -17.20
CA GLU B 155 -16.95 3.15 -17.00
C GLU B 155 -16.32 2.44 -15.80
N TRP B 156 -17.12 1.55 -15.19
CA TRP B 156 -16.57 0.61 -14.22
C TRP B 156 -15.60 -0.35 -14.93
N LEU B 157 -14.39 -0.48 -14.36
CA LEU B 157 -13.33 -1.31 -14.92
C LEU B 157 -12.82 -2.28 -13.86
N VAL B 158 -12.29 -3.44 -14.28
CA VAL B 158 -11.73 -4.41 -13.35
C VAL B 158 -10.22 -4.16 -13.21
N SER B 159 -9.74 -3.95 -11.97
CA SER B 159 -8.32 -3.77 -11.63
C SER B 159 -7.61 -5.12 -11.52
N ARG B 160 -6.30 -5.07 -11.72
CA ARG B 160 -5.52 -6.28 -11.53
C ARG B 160 -5.41 -6.66 -10.05
N SER B 161 -5.70 -5.74 -9.13
CA SER B 161 -5.79 -6.15 -7.73
C SER B 161 -7.04 -6.97 -7.45
N GLY B 162 -7.97 -7.02 -8.41
CA GLY B 162 -9.23 -7.72 -8.28
C GLY B 162 -10.42 -6.79 -8.20
N LEU B 163 -10.19 -5.57 -7.72
CA LEU B 163 -11.28 -4.65 -7.42
C LEU B 163 -11.75 -3.92 -8.67
N ARG B 164 -13.00 -3.50 -8.64
CA ARG B 164 -13.54 -2.65 -9.69
CA ARG B 164 -13.55 -2.66 -9.69
C ARG B 164 -13.37 -1.20 -9.32
N TYR B 165 -13.23 -0.34 -10.34
CA TYR B 165 -13.00 1.07 -10.11
C TYR B 165 -13.52 1.87 -11.30
N ARG B 166 -13.75 3.16 -11.07
CA ARG B 166 -14.04 4.05 -12.17
C ARG B 166 -13.58 5.45 -11.79
N MET B 167 -13.30 6.25 -12.82
CA MET B 167 -12.83 7.61 -12.60
C MET B 167 -13.92 8.61 -12.91
N HIS B 168 -13.99 9.65 -12.08
CA HIS B 168 -14.92 10.76 -12.28
C HIS B 168 -14.10 12.04 -12.40
N SER B 169 -14.54 12.95 -13.25
CA SER B 169 -13.95 14.29 -13.35
C SER B 169 -15.04 15.32 -13.06
N TYR B 170 -14.70 16.30 -12.23
CA TYR B 170 -15.62 17.36 -11.84
C TYR B 170 -15.03 18.73 -12.13
N ARG B 171 -15.91 19.66 -12.51
CA ARG B 171 -15.56 21.04 -12.76
C ARG B 171 -16.58 21.94 -12.08
N ARG B 172 -16.10 22.99 -11.42
CA ARG B 172 -16.98 23.96 -10.80
C ARG B 172 -17.77 24.72 -11.87
N LEU B 173 -19.08 24.86 -11.68
CA LEU B 173 -19.90 25.65 -12.61
C LEU B 173 -19.49 27.11 -12.60
PA NAP C . 4.63 -11.29 11.94
O1A NAP C . 5.80 -12.21 11.85
O2A NAP C . 3.75 -11.25 10.75
O5B NAP C . 3.69 -11.62 13.20
C5B NAP C . 4.28 -11.66 14.51
C4B NAP C . 3.27 -12.33 15.40
O4B NAP C . 3.21 -13.74 15.07
C3B NAP C . 3.59 -12.29 16.88
O3B NAP C . 3.30 -11.03 17.45
C2B NAP C . 2.73 -13.46 17.35
O2B NAP C . 1.33 -13.10 17.37
C1B NAP C . 2.91 -14.48 16.24
N9A NAP C . 3.99 -15.42 16.50
C8A NAP C . 5.34 -15.21 16.38
N7A NAP C . 6.06 -16.23 16.76
C5A NAP C . 5.13 -17.17 17.15
C6A NAP C . 5.26 -18.48 17.67
N6A NAP C . 6.44 -19.08 17.89
N1A NAP C . 4.12 -19.15 17.97
C2A NAP C . 2.94 -18.55 17.76
N3A NAP C . 2.71 -17.33 17.29
C4A NAP C . 3.84 -16.69 17.00
O3 NAP C . 5.12 -9.82 12.28
PN NAP C . 6.27 -8.81 11.79
O1N NAP C . 7.56 -9.50 11.76
O2N NAP C . 6.15 -7.59 12.63
O5D NAP C . 5.86 -8.52 10.28
C5D NAP C . 4.81 -7.61 9.92
C4D NAP C . 5.41 -6.48 9.12
O4D NAP C . 6.03 -7.02 7.93
C3D NAP C . 4.41 -5.45 8.62
O3D NAP C . 5.09 -4.21 8.43
C2D NAP C . 4.00 -6.03 7.27
O2D NAP C . 3.49 -5.03 6.41
C1D NAP C . 5.35 -6.55 6.79
N1N NAP C . 5.26 -7.67 5.79
C2N NAP C . 5.99 -7.53 4.67
C3N NAP C . 6.11 -8.57 3.77
C7N NAP C . 6.92 -8.43 2.52
O7N NAP C . 7.12 -9.43 1.83
N7N NAP C . 7.44 -7.24 2.23
C4N NAP C . 5.44 -9.76 4.05
C5N NAP C . 4.68 -9.88 5.20
C6N NAP C . 4.60 -8.81 6.06
P2B NAP C . 0.61 -12.57 18.73
O1X NAP C . -0.79 -12.37 18.32
O2X NAP C . 0.85 -13.65 19.78
O3X NAP C . 1.28 -11.26 19.09
C10 WPD D . 4.12 -10.08 0.35
O11 WPD D . 3.39 -9.76 1.49
C01 WPD D . 2.10 -8.21 -1.50
C02 WPD D . 3.43 -7.94 -0.77
C03 WPD D . 4.18 -9.25 -0.72
C05 WPD D . 5.58 -10.71 -1.80
C08 WPD D . 4.86 -11.28 0.27
C12 WPD D . 2.12 -10.47 1.68
C13 WPD D . 1.37 -9.66 2.72
C14 WPD D . 0.72 -8.42 2.09
C16 WPD D . -0.95 -7.97 0.40
C17 WPD D . -0.87 -6.60 0.59
C18 WPD D . -1.73 -5.78 -0.14
C19 WPD D . -2.67 -6.30 -1.01
C20 WPD D . -2.73 -7.70 -1.19
C21 WPD D . -3.76 -8.32 -2.13
C22 WPD D . -3.22 -8.91 -3.45
C23 WPD D . -3.88 -8.18 -4.58
C26 WPD D . -3.61 -10.43 -3.49
C29 WPD D . -1.87 -8.50 -0.48
F24 WPD D . -3.44 -8.64 -5.80
F25 WPD D . -3.57 -6.82 -4.56
N04 WPD D . 4.91 -9.56 -1.81
N06 WPD D . 6.32 -11.02 -2.91
N07 WPD D . 5.58 -11.59 -0.81
N09 WPD D . 4.85 -12.15 1.29
O15 WPD D . -0.15 -8.87 1.07
O27 WPD D . -4.81 -10.64 -3.73
O28 WPD D . -2.70 -11.24 -3.28
CL CL E . 1.83 -2.53 -4.35
CL CL F . -2.03 0.59 -4.95
CL CL G . -1.34 2.81 2.18
CL CL H . 1.11 -1.80 3.02
PA NAP I . -4.62 15.06 6.76
O1A NAP I . -5.68 15.97 6.26
O2A NAP I . -3.70 14.45 5.71
O5B NAP I . -3.65 15.76 7.78
C5B NAP I . -4.18 16.41 8.96
C4B NAP I . -3.08 17.24 9.55
O4B NAP I . -2.89 18.42 8.75
C3B NAP I . -3.34 17.76 10.96
O3B NAP I . -3.07 16.76 11.94
C2B NAP I . -2.36 18.94 10.98
O2B NAP I . -1.00 18.50 11.12
C1B NAP I . -2.53 19.51 9.58
N9A NAP I . -3.57 20.53 9.50
C8A NAP I . -4.93 20.35 9.41
N7A NAP I . -5.61 21.48 9.37
C5A NAP I . -4.62 22.46 9.43
C6A NAP I . -4.68 23.87 9.42
N6A NAP I . -5.82 24.57 9.43
N1A NAP I . -3.52 24.54 9.47
C2A NAP I . -2.37 23.85 9.53
N3A NAP I . -2.19 22.53 9.57
C4A NAP I . -3.36 21.89 9.51
O3 NAP I . -5.26 13.89 7.64
PN NAP I . -6.44 12.83 7.47
O1N NAP I . -7.68 13.57 7.13
O2N NAP I . -6.42 11.94 8.65
O5D NAP I . -5.99 12.01 6.19
C5D NAP I . -5.01 10.96 6.26
C4D NAP I . -5.66 9.64 5.93
O4D NAP I . -6.23 9.68 4.60
C3D NAP I . -4.71 8.44 5.90
O3D NAP I . -5.42 7.25 6.18
C2D NAP I . -4.25 8.44 4.45
O2D NAP I . -3.75 7.17 4.05
C1D NAP I . -5.57 8.77 3.76
N1N NAP I . -5.42 9.40 2.39
C2N NAP I . -6.09 8.83 1.37
C3N NAP I . -6.15 9.45 0.15
C7N NAP I . -6.94 8.87 -0.97
O7N NAP I . -7.13 9.54 -1.99
N7N NAP I . -7.49 7.68 -0.78
C4N NAP I . -5.49 10.68 -0.01
C5N NAP I . -4.78 11.22 1.05
C6N NAP I . -4.75 10.56 2.26
P2B NAP I . -0.24 18.46 12.53
O1X NAP I . 1.15 18.04 12.14
O2X NAP I . -0.35 19.85 13.13
O3X NAP I . -0.95 17.40 13.36
C10 WPD J . -4.17 9.53 -3.54
O11 WPD J . -3.46 9.64 -2.34
C01 WPD J . -2.30 6.87 -4.57
C02 WPD J . -3.61 7.07 -3.76
C03 WPD J . -4.29 8.34 -4.21
C05 WPD J . -5.63 9.35 -5.78
C08 WPD J . -4.87 10.65 -4.07
C12 WPD J . -2.21 10.38 -2.35
C13 WPD J . -1.45 9.90 -1.12
C14 WPD J . -0.86 8.50 -1.30
C16 WPD J . 0.76 7.44 -2.72
C17 WPD J . 0.60 6.27 -2.01
C18 WPD J . 1.42 5.20 -2.33
C19 WPD J . 2.36 5.31 -3.33
C20 WPD J . 2.49 6.50 -4.06
C21 WPD J . 3.55 6.63 -5.16
C22 WPD J . 3.02 6.80 -6.60
C23 WPD J . 3.61 5.70 -7.45
C26 WPD J . 3.45 8.17 -7.22
C29 WPD J . 1.69 7.57 -3.74
F24 WPD J . 3.09 5.77 -8.72
F25 WPD J . 3.18 4.49 -6.94
N04 WPD J . -5.01 8.24 -5.34
N06 WPD J . -6.34 9.25 -6.94
N07 WPD J . -5.58 10.54 -5.18
N09 WPD J . -4.83 11.86 -3.47
O15 WPD J . -0.02 8.55 -2.46
O27 WPD J . 4.66 8.26 -7.55
O28 WPD J . 2.53 9.02 -7.28
#